data_7JWS
#
_entry.id   7JWS
#
_cell.length_a   109.065
_cell.length_b   109.065
_cell.length_c   83.126
_cell.angle_alpha   90.000
_cell.angle_beta   90.000
_cell.angle_gamma   90.000
#
_symmetry.space_group_name_H-M   'P 4 2 2'
#
loop_
_entity.id
_entity.type
_entity.pdbx_description
1 polymer 'Retinal dehydrogenase 1'
2 non-polymer 'YTTERBIUM (III) ION'
3 non-polymer 1-methyl-5-phenyl-6-{[(1R)-1-phenylethyl]sulfanyl}-1,5-dihydro-4H-pyrazolo[3,4-d]pyrimidin-4-one
4 non-polymer 'CHLORIDE ION'
5 water water
#
_entity_poly.entity_id   1
_entity_poly.type   'polypeptide(L)'
_entity_poly.pdbx_seq_one_letter_code
;MSSSGTPDLPVLLTDLKIQYTKIFINNEWHDSVSGKKFPVFNPATEEELCQVEEGDKEDVDKAVKAARQAFQIGSPWRTM
DASERGRLLYKLADLIERDRLLLATMESMNGGKLYSNAYLSDLAGCIKTLRYCAGWADKIQGRTIPIDGNFFTYTRHEPI
GVCGQIIPWNFPLVMLIWKIGPALSCGNTVVVKPAEQTPLTALHVASLIKEAGFPPGVVNIVPGYGPTAGAAISSHMDID
KVAFTGSTEVGKLIKEAAGKSNLKRVTLELGGKSPCIVLADADLDNAVEFAHHGVFYHQGQCCIAASRIFVEESIYDEFV
RRSVERAKKYILGNPLTPGVTQGPQIDKEQYDKILDLIESGKKEGAKLECGGGPWGNKGYFVQPTVFSNVTDEMRIAKEE
IFGPVQQIMKFKSLDDVIKRANNTFYGLSAGVFTKDIDKAITISSALQAGTVWVNCYGVVSAQCPFGGFKMSGNGRELGE
YGFHEYTEVKTVTVKISQKNS
;
_entity_poly.pdbx_strand_id   A
#
# COMPACT_ATOMS: atom_id res chain seq x y z
N ASP A 8 5.73 9.18 23.68
CA ASP A 8 4.58 10.10 23.97
C ASP A 8 3.58 10.10 22.82
N LEU A 9 2.30 10.30 23.15
CA LEU A 9 1.24 10.40 22.15
C LEU A 9 0.49 11.73 22.28
N PRO A 10 1.00 12.79 21.61
CA PRO A 10 0.31 14.08 21.60
C PRO A 10 -0.92 14.08 20.72
N VAL A 11 -1.83 15.03 21.00
CA VAL A 11 -3.09 15.14 20.28
CA VAL A 11 -3.12 15.14 20.32
C VAL A 11 -3.32 16.57 19.79
N LEU A 12 -4.18 16.70 18.77
CA LEU A 12 -4.57 17.99 18.23
C LEU A 12 -5.41 18.74 19.28
N LEU A 13 -5.07 20.01 19.53
CA LEU A 13 -5.67 20.79 20.64
C LEU A 13 -7.03 21.40 20.31
N THR A 14 -7.26 21.77 19.05
CA THR A 14 -8.58 22.20 18.57
C THR A 14 -9.14 21.11 17.67
N ASP A 15 -10.46 21.14 17.45
CA ASP A 15 -11.11 20.19 16.54
C ASP A 15 -10.62 20.39 15.09
N LEU A 16 -10.64 19.29 14.33
CA LEU A 16 -10.21 19.30 12.94
C LEU A 16 -11.20 20.07 12.07
N LYS A 17 -10.70 20.97 11.24
CA LYS A 17 -11.50 21.68 10.25
C LYS A 17 -11.04 21.24 8.87
N ILE A 18 -11.96 20.73 8.06
CA ILE A 18 -11.61 20.29 6.70
C ILE A 18 -11.59 21.51 5.78
N GLN A 19 -10.45 21.71 5.13
CA GLN A 19 -10.22 22.85 4.23
C GLN A 19 -10.17 22.44 2.76
N TYR A 20 -9.39 21.41 2.45
CA TYR A 20 -9.07 21.06 1.06
C TYR A 20 -9.97 19.93 0.54
N THR A 21 -10.86 20.31 -0.38
CA THR A 21 -11.87 19.41 -0.91
C THR A 21 -11.99 19.45 -2.45
N LYS A 22 -11.02 20.08 -3.11
CA LYS A 22 -11.09 20.31 -4.55
C LYS A 22 -10.03 19.53 -5.31
N ILE A 23 -10.20 19.50 -6.63
CA ILE A 23 -9.26 18.87 -7.54
C ILE A 23 -8.01 19.76 -7.66
N PHE A 24 -6.83 19.14 -7.59
CA PHE A 24 -5.55 19.85 -7.57
C PHE A 24 -4.84 19.62 -8.91
N ILE A 25 -4.80 20.66 -9.75
CA ILE A 25 -4.13 20.64 -11.06
C ILE A 25 -3.30 21.91 -11.24
N ASN A 26 -2.05 21.79 -11.72
CA ASN A 26 -1.17 22.97 -11.87
C ASN A 26 -1.08 23.84 -10.61
N ASN A 27 -1.03 23.18 -9.44
CA ASN A 27 -0.98 23.82 -8.12
C ASN A 27 -2.11 24.79 -7.81
N GLU A 28 -3.28 24.52 -8.35
CA GLU A 28 -4.45 25.33 -8.06
C GLU A 28 -5.65 24.42 -7.88
N TRP A 29 -6.64 24.95 -7.16
CA TRP A 29 -7.82 24.20 -6.77
C TRP A 29 -8.92 24.39 -7.80
N HIS A 30 -9.46 23.28 -8.28
CA HIS A 30 -10.40 23.24 -9.40
C HIS A 30 -11.71 22.62 -8.94
N ASP A 31 -12.82 23.23 -9.34
CA ASP A 31 -14.09 22.52 -9.30
C ASP A 31 -14.04 21.41 -10.36
N SER A 32 -14.85 20.38 -10.16
CA SER A 32 -15.06 19.34 -11.17
C SER A 32 -15.69 19.96 -12.41
N VAL A 33 -15.41 19.38 -13.57
CA VAL A 33 -15.93 19.89 -14.85
C VAL A 33 -17.45 19.81 -14.90
N SER A 34 -17.98 18.72 -14.35
CA SER A 34 -19.43 18.55 -14.24
C SER A 34 -20.05 19.46 -13.17
N GLY A 35 -19.26 19.82 -12.15
CA GLY A 35 -19.73 20.56 -10.99
C GLY A 35 -20.22 19.65 -9.87
N LYS A 36 -20.17 18.33 -10.10
CA LYS A 36 -20.64 17.36 -9.13
C LYS A 36 -19.65 17.15 -8.01
N LYS A 37 -20.18 16.76 -6.87
CA LYS A 37 -19.41 16.45 -5.66
C LYS A 37 -19.94 15.14 -5.08
N PHE A 38 -19.13 14.51 -4.25
CA PHE A 38 -19.50 13.25 -3.61
C PHE A 38 -19.19 13.29 -2.11
N PRO A 39 -19.99 12.56 -1.30
CA PRO A 39 -19.81 12.61 0.15
C PRO A 39 -18.64 11.77 0.63
N VAL A 40 -17.98 12.25 1.68
CA VAL A 40 -16.95 11.49 2.39
C VAL A 40 -17.45 11.24 3.80
N PHE A 41 -17.30 10.00 4.26
CA PHE A 41 -17.88 9.56 5.54
C PHE A 41 -16.82 9.18 6.56
N ASN A 42 -17.22 9.19 7.83
CA ASN A 42 -16.44 8.61 8.91
C ASN A 42 -16.98 7.18 9.09
N PRO A 43 -16.12 6.15 8.92
CA PRO A 43 -16.61 4.76 9.10
C PRO A 43 -16.96 4.35 10.54
N ALA A 44 -16.54 5.12 11.54
CA ALA A 44 -16.86 4.85 12.95
C ALA A 44 -18.26 5.32 13.35
N THR A 45 -18.74 6.40 12.72
CA THR A 45 -20.06 6.97 13.02
C THR A 45 -21.09 6.80 11.89
N GLU A 46 -20.64 6.47 10.68
CA GLU A 46 -21.46 6.50 9.46
C GLU A 46 -21.98 7.91 9.11
N GLU A 47 -21.32 8.95 9.61
CA GLU A 47 -21.74 10.34 9.40
C GLU A 47 -20.87 10.98 8.32
N GLU A 48 -21.49 11.87 7.54
CA GLU A 48 -20.80 12.58 6.47
C GLU A 48 -19.91 13.66 7.07
N LEU A 49 -18.62 13.61 6.72
CA LEU A 49 -17.62 14.60 7.15
C LEU A 49 -17.67 15.86 6.29
N CYS A 50 -17.78 15.68 4.97
CA CYS A 50 -17.77 16.76 4.00
C CYS A 50 -18.13 16.24 2.60
N GLN A 51 -18.18 17.17 1.65
CA GLN A 51 -18.25 16.86 0.23
C GLN A 51 -16.94 17.21 -0.46
N VAL A 52 -16.60 16.45 -1.50
CA VAL A 52 -15.35 16.62 -2.26
C VAL A 52 -15.71 16.65 -3.74
N GLU A 53 -14.98 17.44 -4.54
CA GLU A 53 -15.27 17.54 -5.97
C GLU A 53 -15.06 16.18 -6.65
N GLU A 54 -16.04 15.76 -7.45
CA GLU A 54 -16.00 14.45 -8.10
C GLU A 54 -15.31 14.53 -9.45
N GLY A 55 -14.05 14.11 -9.50
CA GLY A 55 -13.34 14.07 -10.75
C GLY A 55 -13.79 12.89 -11.59
N ASP A 56 -13.83 13.11 -12.91
CA ASP A 56 -14.26 12.10 -13.87
C ASP A 56 -13.28 12.16 -15.04
N LYS A 57 -13.64 11.61 -16.20
CA LYS A 57 -12.64 11.50 -17.29
C LYS A 57 -12.15 12.87 -17.74
N GLU A 58 -13.06 13.83 -17.80
CA GLU A 58 -12.77 15.21 -18.20
C GLU A 58 -11.74 15.89 -17.26
N ASP A 59 -11.77 15.56 -15.97
CA ASP A 59 -10.83 16.11 -14.99
C ASP A 59 -9.49 15.39 -15.05
N VAL A 60 -9.53 14.07 -15.27
CA VAL A 60 -8.31 13.31 -15.48
C VAL A 60 -7.59 13.83 -16.73
N ASP A 61 -8.36 14.16 -17.76
CA ASP A 61 -7.79 14.72 -19.00
C ASP A 61 -7.06 16.04 -18.77
N LYS A 62 -7.65 16.92 -17.95
CA LYS A 62 -6.99 18.19 -17.56
C LYS A 62 -5.72 17.93 -16.78
N ALA A 63 -5.77 16.97 -15.86
CA ALA A 63 -4.60 16.61 -15.05
C ALA A 63 -3.45 16.06 -15.91
N VAL A 64 -3.76 15.20 -16.87
CA VAL A 64 -2.74 14.60 -17.74
C VAL A 64 -2.05 15.66 -18.61
N LYS A 65 -2.85 16.56 -19.19
CA LYS A 65 -2.30 17.68 -19.97
C LYS A 65 -1.31 18.52 -19.15
N ALA A 66 -1.64 18.72 -17.86
CA ALA A 66 -0.81 19.48 -16.94
C ALA A 66 0.45 18.72 -16.61
N ALA A 67 0.31 17.41 -16.36
CA ALA A 67 1.48 16.55 -16.10
C ALA A 67 2.40 16.44 -17.32
N ARG A 68 1.81 16.32 -18.50
CA ARG A 68 2.56 16.25 -19.75
C ARG A 68 3.35 17.53 -20.00
N GLN A 69 2.75 18.67 -19.74
CA GLN A 69 3.40 19.96 -19.95
C GLN A 69 4.56 20.14 -18.97
N ALA A 70 4.35 19.77 -17.70
CA ALA A 70 5.43 19.81 -16.70
C ALA A 70 6.59 18.87 -17.02
N PHE A 71 6.30 17.81 -17.79
CA PHE A 71 7.32 16.85 -18.20
C PHE A 71 8.10 17.21 -19.48
N GLN A 72 7.72 18.30 -20.16
CA GLN A 72 8.32 18.62 -21.46
C GLN A 72 9.81 18.95 -21.30
N ILE A 73 10.60 18.53 -22.28
CA ILE A 73 12.02 18.93 -22.35
C ILE A 73 12.12 20.45 -22.19
N GLY A 74 13.05 20.90 -21.35
CA GLY A 74 13.23 22.32 -21.09
C GLY A 74 12.40 22.91 -19.95
N SER A 75 11.46 22.13 -19.41
CA SER A 75 10.64 22.56 -18.29
C SER A 75 11.44 22.64 -17.00
N PRO A 76 10.96 23.42 -16.01
CA PRO A 76 11.66 23.48 -14.73
C PRO A 76 11.90 22.13 -14.07
N TRP A 77 10.92 21.23 -14.09
CA TRP A 77 11.07 19.89 -13.48
C TRP A 77 12.08 19.00 -14.22
N ARG A 78 12.13 19.08 -15.55
CA ARG A 78 13.13 18.34 -16.30
C ARG A 78 14.54 18.90 -16.18
N THR A 79 14.65 20.22 -16.11
CA THR A 79 15.96 20.88 -16.13
C THR A 79 16.61 21.10 -14.76
N MET A 80 15.85 21.05 -13.66
CA MET A 80 16.42 21.31 -12.34
C MET A 80 17.40 20.22 -11.94
N ASP A 81 18.33 20.56 -11.05
CA ASP A 81 19.27 19.58 -10.57
C ASP A 81 18.51 18.45 -9.90
N ALA A 82 18.94 17.20 -10.15
CA ALA A 82 18.44 16.05 -9.39
C ALA A 82 18.51 16.31 -7.89
N SER A 83 19.60 16.88 -7.42
CA SER A 83 19.70 17.22 -6.00
C SER A 83 18.55 18.14 -5.50
N GLU A 84 18.03 18.99 -6.39
CA GLU A 84 16.94 19.91 -6.07
C GLU A 84 15.59 19.19 -6.06
N ARG A 85 15.41 18.18 -6.89
CA ARG A 85 14.21 17.32 -6.76
C ARG A 85 14.26 16.69 -5.37
N GLY A 86 15.44 16.22 -4.96
CA GLY A 86 15.62 15.65 -3.63
C GLY A 86 15.31 16.63 -2.52
N ARG A 87 15.82 17.86 -2.65
CA ARG A 87 15.55 18.93 -1.71
C ARG A 87 14.05 19.20 -1.52
N LEU A 88 13.31 19.22 -2.62
CA LEU A 88 11.85 19.44 -2.59
C LEU A 88 11.10 18.33 -1.84
N LEU A 89 11.53 17.09 -2.06
CA LEU A 89 10.99 15.96 -1.32
C LEU A 89 11.30 16.00 0.18
N TYR A 90 12.53 16.37 0.55
N TYR A 90 12.54 16.34 0.53
CA TYR A 90 12.87 16.49 1.99
CA TYR A 90 12.94 16.55 1.94
C TYR A 90 12.10 17.65 2.64
C TYR A 90 12.09 17.63 2.61
N LYS A 91 11.86 18.73 1.87
CA LYS A 91 11.06 19.84 2.35
C LYS A 91 9.62 19.40 2.57
N LEU A 92 9.09 18.59 1.65
CA LEU A 92 7.73 18.06 1.79
C LEU A 92 7.61 17.19 3.03
N ALA A 93 8.62 16.36 3.30
CA ALA A 93 8.67 15.56 4.52
C ALA A 93 8.68 16.44 5.79
N ASP A 94 9.45 17.52 5.78
CA ASP A 94 9.45 18.50 6.89
C ASP A 94 8.07 19.10 7.13
N LEU A 95 7.34 19.38 6.04
CA LEU A 95 5.99 19.96 6.14
C LEU A 95 4.95 18.97 6.69
N ILE A 96 5.04 17.72 6.23
CA ILE A 96 4.17 16.66 6.75
C ILE A 96 4.47 16.45 8.25
N GLU A 97 5.75 16.49 8.61
CA GLU A 97 6.16 16.45 10.02
C GLU A 97 5.58 17.62 10.82
N ARG A 98 5.58 18.82 10.25
CA ARG A 98 4.97 19.99 10.88
C ARG A 98 3.46 19.78 11.12
N ASP A 99 2.79 19.19 10.13
CA ASP A 99 1.34 18.96 10.20
C ASP A 99 0.97 17.53 10.61
N ARG A 100 1.82 16.91 11.43
CA ARG A 100 1.66 15.51 11.81
C ARG A 100 0.38 15.26 12.61
N LEU A 101 0.10 16.12 13.58
CA LEU A 101 -1.10 16.01 14.42
C LEU A 101 -2.35 16.10 13.57
N LEU A 102 -2.41 17.16 12.77
CA LEU A 102 -3.50 17.40 11.82
C LEU A 102 -3.70 16.19 10.88
N LEU A 103 -2.63 15.74 10.26
CA LEU A 103 -2.72 14.65 9.28
C LEU A 103 -3.09 13.30 9.93
N ALA A 104 -2.53 13.00 11.09
CA ALA A 104 -2.86 11.77 11.81
C ALA A 104 -4.33 11.75 12.26
N THR A 105 -4.83 12.91 12.70
CA THR A 105 -6.23 13.05 13.12
C THR A 105 -7.17 12.86 11.94
N MET A 106 -6.87 13.54 10.83
CA MET A 106 -7.66 13.42 9.60
C MET A 106 -7.64 11.99 9.06
N GLU A 107 -6.47 11.38 9.07
CA GLU A 107 -6.30 9.98 8.65
C GLU A 107 -7.13 9.03 9.51
N SER A 108 -7.10 9.22 10.82
CA SER A 108 -7.88 8.43 11.77
C SER A 108 -9.38 8.59 11.54
N MET A 109 -9.81 9.86 11.46
CA MET A 109 -11.22 10.22 11.29
C MET A 109 -11.81 9.72 9.96
N ASN A 110 -11.09 9.95 8.87
CA ASN A 110 -11.58 9.57 7.54
C ASN A 110 -11.43 8.07 7.28
N GLY A 111 -10.30 7.50 7.71
CA GLY A 111 -9.94 6.10 7.40
C GLY A 111 -10.35 5.05 8.41
N GLY A 112 -10.96 5.44 9.52
CA GLY A 112 -11.31 4.51 10.61
C GLY A 112 -10.11 3.85 11.23
N LYS A 113 -9.01 4.61 11.32
CA LYS A 113 -7.70 4.07 11.68
C LYS A 113 -7.33 4.54 13.08
N LEU A 114 -6.93 3.62 13.95
CA LEU A 114 -6.55 3.94 15.34
C LEU A 114 -5.57 5.12 15.35
N TYR A 115 -5.89 6.16 16.11
CA TYR A 115 -5.09 7.39 16.11
C TYR A 115 -3.64 7.15 16.55
N SER A 116 -3.47 6.33 17.58
CA SER A 116 -2.15 5.94 18.07
C SER A 116 -1.28 5.41 16.92
N ASN A 117 -1.86 4.52 16.12
CA ASN A 117 -1.17 3.93 14.97
CA ASN A 117 -1.17 3.93 14.97
C ASN A 117 -0.99 4.97 13.87
N ALA A 118 -2.03 5.75 13.61
CA ALA A 118 -1.97 6.81 12.60
C ALA A 118 -0.85 7.80 12.88
N TYR A 119 -0.72 8.22 14.14
CA TYR A 119 0.33 9.14 14.54
C TYR A 119 1.73 8.49 14.61
N LEU A 120 1.84 7.39 15.34
CA LEU A 120 3.15 6.77 15.63
C LEU A 120 3.72 5.91 14.50
N SER A 121 2.85 5.31 13.68
CA SER A 121 3.29 4.39 12.63
C SER A 121 3.11 5.00 11.24
N ASP A 122 1.87 5.30 10.87
CA ASP A 122 1.57 5.78 9.51
C ASP A 122 2.32 7.06 9.18
N LEU A 123 2.17 8.07 10.04
CA LEU A 123 2.86 9.35 9.83
C LEU A 123 4.38 9.24 9.89
N ALA A 124 4.91 8.45 10.83
CA ALA A 124 6.37 8.19 10.90
C ALA A 124 6.90 7.53 9.63
N GLY A 125 6.16 6.53 9.14
CA GLY A 125 6.49 5.83 7.89
C GLY A 125 6.42 6.71 6.65
N CYS A 126 5.43 7.60 6.64
N CYS A 126 5.43 7.61 6.61
CA CYS A 126 5.25 8.58 5.58
CA CYS A 126 5.31 8.60 5.53
C CYS A 126 6.43 9.56 5.49
C CYS A 126 6.50 9.53 5.49
N ILE A 127 6.82 10.10 6.64
CA ILE A 127 7.96 11.02 6.75
C ILE A 127 9.27 10.31 6.41
N LYS A 128 9.48 9.13 7.00
CA LYS A 128 10.70 8.34 6.76
C LYS A 128 10.85 7.89 5.31
N THR A 129 9.75 7.46 4.68
CA THR A 129 9.80 7.01 3.28
C THR A 129 10.12 8.16 2.34
N LEU A 130 9.52 9.33 2.58
CA LEU A 130 9.82 10.51 1.78
C LEU A 130 11.29 10.89 1.88
N ARG A 131 11.83 10.89 3.09
CA ARG A 131 13.24 11.23 3.30
C ARG A 131 14.17 10.22 2.63
N TYR A 132 13.81 8.94 2.69
CA TYR A 132 14.55 7.90 1.97
C TYR A 132 14.57 8.17 0.46
N CYS A 133 13.38 8.41 -0.09
CA CYS A 133 13.22 8.70 -1.51
C CYS A 133 13.96 9.95 -1.96
N ALA A 134 13.96 10.97 -1.11
CA ALA A 134 14.67 12.23 -1.38
C ALA A 134 16.17 11.96 -1.60
N GLY A 135 16.73 11.09 -0.76
CA GLY A 135 18.13 10.69 -0.87
C GLY A 135 18.54 10.02 -2.17
N TRP A 136 17.62 9.31 -2.83
CA TRP A 136 17.91 8.66 -4.10
C TRP A 136 18.01 9.60 -5.29
N ALA A 137 17.44 10.81 -5.20
CA ALA A 137 17.17 11.64 -6.39
C ALA A 137 18.36 11.86 -7.31
N ASP A 138 19.50 12.19 -6.70
CA ASP A 138 20.75 12.44 -7.46
C ASP A 138 21.74 11.27 -7.41
N LYS A 139 21.20 10.10 -7.09
CA LYS A 139 21.90 8.85 -7.10
C LYS A 139 21.33 7.86 -8.11
N ILE A 140 20.39 8.33 -8.95
CA ILE A 140 19.88 7.52 -10.05
C ILE A 140 20.86 7.73 -11.21
N GLN A 141 21.49 6.64 -11.65
CA GLN A 141 22.59 6.67 -12.59
C GLN A 141 22.42 5.58 -13.65
N GLY A 142 22.78 5.91 -14.89
CA GLY A 142 22.97 4.94 -15.95
C GLY A 142 24.36 4.34 -15.92
N ARG A 143 24.82 3.88 -17.08
CA ARG A 143 26.08 3.17 -17.23
C ARG A 143 26.87 3.66 -18.43
N THR A 144 28.17 3.40 -18.39
CA THR A 144 28.97 3.41 -19.61
C THR A 144 29.37 1.97 -19.86
N ILE A 145 29.29 1.54 -21.12
CA ILE A 145 29.24 0.12 -21.46
C ILE A 145 30.29 -0.17 -22.54
N PRO A 146 31.16 -1.20 -22.33
CA PRO A 146 32.19 -1.56 -23.31
C PRO A 146 31.65 -2.47 -24.42
N ILE A 147 30.71 -1.89 -25.18
CA ILE A 147 30.15 -2.46 -26.41
C ILE A 147 31.23 -2.97 -27.39
N ASP A 148 30.91 -4.02 -28.15
CA ASP A 148 31.76 -4.44 -29.27
C ASP A 148 31.86 -3.32 -30.31
N GLY A 149 33.02 -3.19 -30.94
CA GLY A 149 33.25 -2.21 -32.00
C GLY A 149 33.69 -0.84 -31.51
N ASN A 150 34.03 0.03 -32.44
CA ASN A 150 34.48 1.39 -32.13
C ASN A 150 33.32 2.35 -31.88
N PHE A 151 32.76 2.25 -30.68
CA PHE A 151 31.67 3.08 -30.23
C PHE A 151 31.83 3.45 -28.76
N PHE A 152 31.30 4.63 -28.42
CA PHE A 152 31.08 5.04 -27.04
C PHE A 152 29.61 4.83 -26.76
N THR A 153 29.31 3.95 -25.80
CA THR A 153 27.93 3.66 -25.42
C THR A 153 27.70 4.00 -23.94
N TYR A 154 26.65 4.79 -23.70
CA TYR A 154 26.21 5.08 -22.35
C TYR A 154 24.72 4.90 -22.27
N THR A 155 24.21 4.81 -21.05
CA THR A 155 22.75 4.78 -20.88
C THR A 155 22.27 5.92 -19.99
N ARG A 156 21.08 6.42 -20.27
CA ARG A 156 20.41 7.40 -19.42
C ARG A 156 19.26 6.66 -18.77
N HIS A 157 19.15 6.76 -17.44
CA HIS A 157 17.98 6.25 -16.72
C HIS A 157 17.05 7.43 -16.54
N GLU A 158 16.22 7.65 -17.56
CA GLU A 158 15.33 8.80 -17.59
C GLU A 158 14.05 8.53 -16.79
N PRO A 159 13.41 9.60 -16.30
CA PRO A 159 12.02 9.38 -15.87
C PRO A 159 11.23 8.86 -17.05
N ILE A 160 10.16 8.14 -16.74
CA ILE A 160 9.24 7.56 -17.74
C ILE A 160 8.35 8.66 -18.34
N GLY A 161 7.83 9.53 -17.48
CA GLY A 161 6.94 10.60 -17.91
C GLY A 161 5.79 10.73 -16.96
N VAL A 162 4.57 10.71 -17.50
CA VAL A 162 3.38 10.94 -16.71
C VAL A 162 2.94 9.58 -16.16
N CYS A 163 2.76 9.54 -14.84
CA CYS A 163 2.49 8.31 -14.12
C CYS A 163 1.14 8.46 -13.39
N GLY A 164 0.18 7.63 -13.80
CA GLY A 164 -1.09 7.60 -13.13
C GLY A 164 -1.02 6.68 -11.93
N GLN A 165 -1.35 7.20 -10.75
CA GLN A 165 -1.20 6.43 -9.51
C GLN A 165 -2.49 6.38 -8.70
N ILE A 166 -2.97 5.15 -8.51
CA ILE A 166 -4.27 4.89 -7.89
C ILE A 166 -3.99 4.33 -6.49
N ILE A 167 -4.40 5.09 -5.46
CA ILE A 167 -4.07 4.85 -4.06
C ILE A 167 -5.23 4.17 -3.33
N PRO A 168 -4.94 3.14 -2.49
CA PRO A 168 -6.02 2.48 -1.75
C PRO A 168 -6.46 3.25 -0.50
N TRP A 169 -7.56 2.78 0.09
CA TRP A 169 -8.15 3.42 1.28
C TRP A 169 -7.56 2.97 2.62
N ASN A 170 -6.81 1.86 2.61
CA ASN A 170 -6.37 1.24 3.87
C ASN A 170 -5.17 1.93 4.52
N PHE A 171 -4.26 2.47 3.70
CA PHE A 171 -3.16 3.31 4.19
C PHE A 171 -3.03 4.52 3.26
N PRO A 172 -4.01 5.45 3.31
CA PRO A 172 -4.03 6.55 2.33
C PRO A 172 -2.74 7.38 2.22
N LEU A 173 -2.21 7.80 3.37
CA LEU A 173 -0.99 8.65 3.41
C LEU A 173 0.26 7.86 3.06
N VAL A 174 0.43 6.71 3.69
CA VAL A 174 1.62 5.88 3.45
C VAL A 174 1.68 5.52 1.97
N MET A 175 0.57 5.09 1.39
CA MET A 175 0.54 4.66 0.00
C MET A 175 0.65 5.81 -1.00
N LEU A 176 0.16 6.98 -0.60
CA LEU A 176 0.36 8.19 -1.40
C LEU A 176 1.85 8.44 -1.53
N ILE A 177 2.56 8.38 -0.40
CA ILE A 177 4.02 8.62 -0.39
C ILE A 177 4.81 7.50 -1.06
N TRP A 178 4.42 6.24 -0.84
CA TRP A 178 5.05 5.12 -1.57
C TRP A 178 4.98 5.29 -3.09
N LYS A 179 3.89 5.86 -3.59
CA LYS A 179 3.74 6.16 -5.00
C LYS A 179 4.52 7.41 -5.42
N ILE A 180 4.24 8.56 -4.80
CA ILE A 180 4.76 9.82 -5.31
C ILE A 180 6.26 9.99 -5.00
N GLY A 181 6.72 9.44 -3.90
CA GLY A 181 8.14 9.59 -3.48
C GLY A 181 9.14 9.10 -4.52
N PRO A 182 9.06 7.82 -4.89
CA PRO A 182 9.94 7.30 -5.95
C PRO A 182 9.68 7.91 -7.32
N ALA A 183 8.42 8.10 -7.69
CA ALA A 183 8.12 8.70 -8.97
C ALA A 183 8.74 10.09 -9.15
N LEU A 184 8.71 10.90 -8.09
CA LEU A 184 9.19 12.29 -8.14
C LEU A 184 10.69 12.30 -8.01
N SER A 185 11.22 11.42 -7.17
CA SER A 185 12.68 11.32 -7.01
C SER A 185 13.35 11.05 -8.36
N CYS A 186 12.74 10.19 -9.16
CA CYS A 186 13.20 9.83 -10.50
C CYS A 186 12.89 10.87 -11.61
N GLY A 187 12.05 11.86 -11.32
CA GLY A 187 11.79 12.98 -12.22
C GLY A 187 10.51 12.88 -13.04
N ASN A 188 9.64 11.94 -12.67
CA ASN A 188 8.31 11.82 -13.31
C ASN A 188 7.39 12.90 -12.86
N THR A 189 6.27 13.04 -13.58
CA THR A 189 5.14 13.84 -13.14
C THR A 189 4.00 12.84 -12.88
N VAL A 190 3.10 13.19 -11.97
CA VAL A 190 2.05 12.27 -11.52
C VAL A 190 0.61 12.82 -11.54
N VAL A 191 -0.33 11.89 -11.75
CA VAL A 191 -1.75 12.12 -11.66
C VAL A 191 -2.25 11.09 -10.66
N VAL A 192 -2.59 11.57 -9.46
CA VAL A 192 -2.90 10.68 -8.34
C VAL A 192 -4.41 10.61 -8.22
N LYS A 193 -4.92 9.42 -7.94
CA LYS A 193 -6.35 9.21 -7.76
C LYS A 193 -6.55 8.52 -6.44
N PRO A 194 -6.75 9.31 -5.36
CA PRO A 194 -6.88 8.68 -4.04
C PRO A 194 -8.17 7.90 -3.96
N ALA A 195 -8.30 7.02 -2.97
CA ALA A 195 -9.51 6.21 -2.82
C ALA A 195 -10.73 7.09 -2.61
N GLU A 196 -11.84 6.70 -3.21
CA GLU A 196 -13.12 7.39 -3.03
C GLU A 196 -13.50 7.53 -1.55
N GLN A 197 -13.13 6.54 -0.74
CA GLN A 197 -13.38 6.57 0.71
C GLN A 197 -12.51 7.58 1.47
N THR A 198 -11.26 7.77 1.02
CA THR A 198 -10.26 8.54 1.76
C THR A 198 -9.47 9.53 0.88
N PRO A 199 -10.16 10.54 0.32
CA PRO A 199 -9.46 11.57 -0.45
C PRO A 199 -8.81 12.66 0.39
N LEU A 200 -9.22 12.82 1.65
CA LEU A 200 -8.93 14.04 2.41
C LEU A 200 -7.45 14.28 2.72
N THR A 201 -6.73 13.29 3.26
CA THR A 201 -5.32 13.50 3.60
C THR A 201 -4.44 13.77 2.36
N ALA A 202 -4.75 13.13 1.23
CA ALA A 202 -4.04 13.41 -0.02
C ALA A 202 -4.18 14.87 -0.46
N LEU A 203 -5.38 15.42 -0.31
CA LEU A 203 -5.62 16.81 -0.66
C LEU A 203 -4.90 17.79 0.28
N HIS A 204 -4.80 17.45 1.56
CA HIS A 204 -3.94 18.24 2.45
C HIS A 204 -2.46 18.19 2.00
N VAL A 205 -1.98 17.01 1.62
CA VAL A 205 -0.60 16.86 1.15
C VAL A 205 -0.38 17.70 -0.13
N ALA A 206 -1.39 17.80 -0.98
CA ALA A 206 -1.35 18.63 -2.19
C ALA A 206 -1.08 20.10 -1.86
N SER A 207 -1.75 20.61 -0.81
CA SER A 207 -1.49 21.98 -0.32
C SER A 207 -0.02 22.13 0.12
N LEU A 208 0.54 21.09 0.73
CA LEU A 208 1.97 21.10 1.13
C LEU A 208 2.96 20.99 -0.03
N ILE A 209 2.55 20.31 -1.10
CA ILE A 209 3.32 20.24 -2.34
C ILE A 209 3.45 21.65 -2.96
N LYS A 210 2.36 22.41 -2.95
CA LYS A 210 2.39 23.80 -3.36
C LYS A 210 3.32 24.63 -2.47
N GLU A 211 3.12 24.54 -1.15
CA GLU A 211 3.94 25.27 -0.18
C GLU A 211 5.44 24.98 -0.30
N ALA A 212 5.79 23.71 -0.54
CA ALA A 212 7.18 23.28 -0.69
C ALA A 212 7.88 23.85 -1.93
N GLY A 213 7.10 24.20 -2.94
CA GLY A 213 7.61 24.83 -4.15
C GLY A 213 7.77 23.93 -5.36
N PHE A 214 7.09 22.78 -5.39
CA PHE A 214 7.13 21.91 -6.57
C PHE A 214 6.58 22.69 -7.77
N PRO A 215 7.19 22.52 -8.97
CA PRO A 215 6.64 23.25 -10.11
C PRO A 215 5.21 22.81 -10.42
N PRO A 216 4.38 23.71 -10.97
CA PRO A 216 3.01 23.32 -11.30
C PRO A 216 2.90 22.17 -12.30
N GLY A 217 1.96 21.26 -12.06
CA GLY A 217 1.75 20.13 -12.92
C GLY A 217 2.58 18.91 -12.57
N VAL A 218 3.58 19.05 -11.68
CA VAL A 218 4.40 17.91 -11.28
C VAL A 218 3.57 16.89 -10.48
N VAL A 219 2.72 17.38 -9.58
CA VAL A 219 1.75 16.54 -8.85
C VAL A 219 0.34 17.07 -9.02
N ASN A 220 -0.53 16.23 -9.55
CA ASN A 220 -1.94 16.57 -9.74
C ASN A 220 -2.76 15.51 -9.02
N ILE A 221 -3.77 15.92 -8.28
CA ILE A 221 -4.59 14.97 -7.49
C ILE A 221 -6.06 15.12 -7.88
N VAL A 222 -6.62 14.05 -8.41
CA VAL A 222 -8.04 14.02 -8.85
C VAL A 222 -8.81 13.02 -8.00
N PRO A 223 -9.48 13.50 -6.93
CA PRO A 223 -10.37 12.59 -6.21
C PRO A 223 -11.57 12.19 -7.05
N GLY A 224 -12.14 11.04 -6.72
CA GLY A 224 -13.33 10.49 -7.40
C GLY A 224 -13.34 8.96 -7.33
N TYR A 225 -14.21 8.35 -8.12
CA TYR A 225 -14.48 6.89 -8.03
C TYR A 225 -13.57 6.04 -8.91
N GLY A 226 -13.59 4.74 -8.67
CA GLY A 226 -12.77 3.78 -9.41
C GLY A 226 -13.23 3.64 -10.85
N PRO A 227 -14.47 3.15 -11.05
CA PRO A 227 -14.98 2.94 -12.40
C PRO A 227 -14.91 4.15 -13.36
N THR A 228 -14.90 5.36 -12.82
CA THR A 228 -14.83 6.59 -13.63
C THR A 228 -13.40 7.14 -13.77
N ALA A 229 -12.87 7.68 -12.67
CA ALA A 229 -11.52 8.28 -12.68
C ALA A 229 -10.39 7.27 -12.80
N GLY A 230 -10.49 6.15 -12.09
CA GLY A 230 -9.51 5.06 -12.21
C GLY A 230 -9.52 4.45 -13.60
N ALA A 231 -10.71 4.23 -14.18
CA ALA A 231 -10.75 3.65 -15.54
C ALA A 231 -10.30 4.61 -16.67
N ALA A 232 -10.32 5.94 -16.33
CA ALA A 232 -9.86 6.95 -17.27
C ALA A 232 -8.35 6.97 -17.28
N ILE A 233 -7.77 6.83 -16.09
CA ILE A 233 -6.30 6.76 -15.93
C ILE A 233 -5.73 5.51 -16.61
N SER A 234 -6.31 4.35 -16.30
CA SER A 234 -5.89 3.07 -16.89
C SER A 234 -5.98 3.02 -18.41
N SER A 235 -7.07 3.56 -18.99
CA SER A 235 -7.20 3.59 -20.44
C SER A 235 -6.63 4.84 -21.14
N HIS A 236 -5.95 5.74 -20.42
CA HIS A 236 -5.55 7.04 -21.01
C HIS A 236 -4.40 6.91 -22.01
N MET A 237 -4.53 7.55 -23.18
CA MET A 237 -3.54 7.39 -24.26
C MET A 237 -2.23 8.14 -24.12
N ASP A 238 -2.18 9.07 -23.18
CA ASP A 238 -0.98 9.84 -22.90
C ASP A 238 -0.48 9.70 -21.47
N ILE A 239 -1.00 8.72 -20.73
CA ILE A 239 -0.37 8.31 -19.47
C ILE A 239 0.61 7.21 -19.83
N ASP A 240 1.89 7.40 -19.43
CA ASP A 240 3.00 6.46 -19.74
C ASP A 240 3.06 5.23 -18.82
N LYS A 241 2.64 5.39 -17.57
CA LYS A 241 2.68 4.30 -16.59
C LYS A 241 1.53 4.41 -15.59
N VAL A 242 1.04 3.27 -15.13
CA VAL A 242 0.04 3.21 -14.07
C VAL A 242 0.53 2.32 -12.93
N ALA A 243 0.42 2.83 -11.71
CA ALA A 243 0.65 2.05 -10.50
C ALA A 243 -0.62 2.00 -9.66
N PHE A 244 -0.95 0.81 -9.19
CA PHE A 244 -2.20 0.56 -8.52
C PHE A 244 -1.90 -0.37 -7.35
N THR A 245 -2.45 -0.02 -6.19
CA THR A 245 -2.52 -0.94 -5.07
C THR A 245 -3.99 -1.14 -4.76
N GLY A 246 -4.38 -2.39 -4.55
CA GLY A 246 -5.79 -2.73 -4.35
C GLY A 246 -6.07 -4.20 -4.53
N SER A 247 -7.31 -4.53 -4.84
CA SER A 247 -7.71 -5.92 -5.01
C SER A 247 -7.12 -6.50 -6.29
N THR A 248 -6.76 -7.78 -6.24
CA THR A 248 -6.35 -8.55 -7.42
C THR A 248 -7.38 -8.46 -8.56
N GLU A 249 -8.66 -8.43 -8.23
CA GLU A 249 -9.76 -8.29 -9.21
C GLU A 249 -9.62 -7.04 -10.10
N VAL A 250 -9.42 -5.88 -9.46
CA VAL A 250 -9.27 -4.61 -10.16
C VAL A 250 -7.90 -4.51 -10.85
N GLY A 251 -6.88 -5.08 -10.22
CA GLY A 251 -5.55 -5.20 -10.85
C GLY A 251 -5.59 -5.83 -12.23
N LYS A 252 -6.41 -6.88 -12.39
CA LYS A 252 -6.59 -7.55 -13.69
C LYS A 252 -7.19 -6.59 -14.74
N LEU A 253 -8.24 -5.86 -14.34
CA LEU A 253 -8.86 -4.84 -15.17
C LEU A 253 -7.96 -3.68 -15.56
N ILE A 254 -7.04 -3.28 -14.66
CA ILE A 254 -6.03 -2.25 -14.93
C ILE A 254 -5.07 -2.77 -16.01
N LYS A 255 -4.59 -3.98 -15.82
CA LYS A 255 -3.62 -4.59 -16.74
C LYS A 255 -4.21 -4.79 -18.13
N GLU A 256 -5.50 -5.14 -18.19
CA GLU A 256 -6.21 -5.29 -19.46
C GLU A 256 -6.39 -3.95 -20.18
N ALA A 257 -6.80 -2.92 -19.45
CA ALA A 257 -7.02 -1.59 -20.02
C ALA A 257 -5.71 -0.94 -20.50
N ALA A 258 -4.61 -1.22 -19.80
CA ALA A 258 -3.29 -0.78 -20.26
C ALA A 258 -2.90 -1.40 -21.60
N GLY A 259 -3.08 -2.71 -21.73
CA GLY A 259 -2.80 -3.41 -22.99
C GLY A 259 -3.71 -2.99 -24.14
N LYS A 260 -4.98 -2.75 -23.82
CA LYS A 260 -6.01 -2.32 -24.79
C LYS A 260 -5.82 -0.91 -25.34
N SER A 261 -5.22 -0.04 -24.53
CA SER A 261 -5.13 1.37 -24.87
C SER A 261 -3.76 1.73 -25.51
N ASN A 262 -2.71 2.00 -24.69
CA ASN A 262 -1.43 2.52 -25.20
C ASN A 262 -0.20 1.72 -24.73
N LEU A 263 -0.42 0.47 -24.32
CA LEU A 263 0.64 -0.35 -23.69
C LEU A 263 1.42 0.34 -22.60
N LYS A 264 0.77 1.18 -21.79
CA LYS A 264 1.42 1.83 -20.64
C LYS A 264 2.04 0.82 -19.70
N ARG A 265 3.14 1.21 -19.06
CA ARG A 265 3.74 0.32 -18.11
C ARG A 265 2.82 0.17 -16.89
N VAL A 266 2.85 -1.01 -16.30
CA VAL A 266 1.97 -1.33 -15.18
C VAL A 266 2.79 -1.90 -14.03
N THR A 267 2.59 -1.35 -12.84
CA THR A 267 2.96 -2.05 -11.62
C THR A 267 1.73 -2.18 -10.72
N LEU A 268 1.62 -3.33 -10.07
CA LEU A 268 0.47 -3.65 -9.24
C LEU A 268 0.95 -4.24 -7.92
N GLU A 269 0.39 -3.75 -6.80
CA GLU A 269 0.50 -4.41 -5.48
C GLU A 269 -0.91 -4.79 -5.09
N LEU A 270 -1.18 -6.08 -5.02
CA LEU A 270 -2.54 -6.57 -4.96
C LEU A 270 -2.73 -7.31 -3.63
N GLY A 271 -3.82 -8.05 -3.49
CA GLY A 271 -4.07 -8.77 -2.25
C GLY A 271 -3.14 -9.93 -1.97
N GLY A 272 -3.44 -10.61 -0.87
CA GLY A 272 -2.77 -11.84 -0.51
C GLY A 272 -3.65 -12.82 0.25
N LYS A 273 -3.10 -14.00 0.46
CA LYS A 273 -3.56 -14.93 1.44
C LYS A 273 -2.30 -15.51 2.08
N SER A 274 -1.60 -14.63 2.79
CA SER A 274 -0.22 -14.90 3.21
C SER A 274 -0.17 -15.92 4.33
N PRO A 275 0.68 -16.96 4.19
CA PRO A 275 0.82 -18.00 5.20
C PRO A 275 1.96 -17.78 6.20
N CYS A 276 1.78 -18.28 7.41
CA CYS A 276 2.86 -18.45 8.38
C CYS A 276 3.07 -19.93 8.65
N ILE A 277 4.32 -20.35 8.76
CA ILE A 277 4.67 -21.72 9.12
C ILE A 277 5.37 -21.67 10.47
N VAL A 278 4.77 -22.29 11.47
CA VAL A 278 5.28 -22.28 12.84
C VAL A 278 5.75 -23.68 13.20
N LEU A 279 7.07 -23.87 13.24
CA LEU A 279 7.66 -25.18 13.52
C LEU A 279 7.61 -25.45 15.03
N ALA A 280 7.72 -26.73 15.37
CA ALA A 280 7.65 -27.16 16.78
C ALA A 280 8.70 -26.51 17.68
N ASP A 281 9.87 -26.21 17.12
CA ASP A 281 10.97 -25.59 17.86
C ASP A 281 10.89 -24.07 17.99
N ALA A 282 9.85 -23.45 17.43
CA ALA A 282 9.70 -21.99 17.45
C ALA A 282 9.56 -21.47 18.87
N ASP A 283 10.05 -20.24 19.07
CA ASP A 283 9.73 -19.48 20.27
C ASP A 283 8.23 -19.21 20.21
N LEU A 284 7.47 -19.88 21.09
CA LEU A 284 6.01 -19.96 20.94
C LEU A 284 5.28 -18.65 21.17
N ASP A 285 5.56 -17.95 22.27
CA ASP A 285 4.88 -16.67 22.52
C ASP A 285 5.26 -15.56 21.52
N ASN A 286 6.50 -15.57 21.03
CA ASN A 286 6.89 -14.68 19.95
C ASN A 286 6.09 -14.96 18.67
N ALA A 287 5.95 -16.24 18.31
CA ALA A 287 5.20 -16.64 17.14
C ALA A 287 3.72 -16.31 17.28
N VAL A 288 3.16 -16.52 18.47
CA VAL A 288 1.76 -16.19 18.74
C VAL A 288 1.52 -14.67 18.59
N GLU A 289 2.40 -13.86 19.16
CA GLU A 289 2.25 -12.39 19.16
C GLU A 289 2.38 -11.81 17.75
N PHE A 290 3.41 -12.21 17.02
CA PHE A 290 3.61 -11.71 15.66
C PHE A 290 2.54 -12.20 14.68
N ALA A 291 2.15 -13.46 14.77
CA ALA A 291 1.05 -13.99 13.93
C ALA A 291 -0.27 -13.27 14.22
N HIS A 292 -0.53 -13.03 15.50
CA HIS A 292 -1.71 -12.26 15.93
C HIS A 292 -1.72 -10.86 15.31
N HIS A 293 -0.66 -10.09 15.54
CA HIS A 293 -0.54 -8.76 14.94
C HIS A 293 -0.50 -8.82 13.42
N GLY A 294 0.08 -9.89 12.88
CA GLY A 294 0.15 -10.12 11.45
C GLY A 294 -1.19 -10.22 10.76
N VAL A 295 -2.21 -10.72 11.46
CA VAL A 295 -3.56 -10.85 10.88
C VAL A 295 -4.53 -9.73 11.29
N PHE A 296 -4.44 -9.26 12.55
CA PHE A 296 -5.38 -8.27 13.09
C PHE A 296 -5.00 -6.80 12.91
N TYR A 297 -3.80 -6.50 12.39
CA TYR A 297 -3.40 -5.09 12.28
C TYR A 297 -4.37 -4.30 11.40
N HIS A 298 -4.72 -3.09 11.86
CA HIS A 298 -5.66 -2.19 11.19
C HIS A 298 -6.96 -2.92 10.77
N GLN A 299 -7.57 -3.57 11.74
CA GLN A 299 -8.83 -4.30 11.52
C GLN A 299 -8.71 -5.37 10.41
N GLY A 300 -7.52 -5.96 10.28
CA GLY A 300 -7.21 -6.92 9.23
C GLY A 300 -7.12 -6.38 7.81
N GLN A 301 -7.09 -5.06 7.64
CA GLN A 301 -7.18 -4.43 6.32
C GLN A 301 -5.78 -4.15 5.74
N CYS A 302 -4.93 -5.18 5.75
CA CYS A 302 -3.58 -5.11 5.20
C CYS A 302 -3.46 -6.21 4.18
N CYS A 303 -2.87 -5.89 3.02
CA CYS A 303 -2.71 -6.88 1.95
C CYS A 303 -1.80 -8.04 2.40
N ILE A 304 -0.85 -7.75 3.31
CA ILE A 304 0.00 -8.79 3.92
C ILE A 304 -0.65 -9.61 5.04
N ALA A 305 -1.94 -9.40 5.36
CA ALA A 305 -2.56 -10.10 6.47
C ALA A 305 -2.17 -11.59 6.53
N ALA A 306 -1.74 -12.04 7.71
CA ALA A 306 -1.26 -13.41 7.93
C ALA A 306 -2.46 -14.33 8.14
N SER A 307 -3.18 -14.54 7.04
CA SER A 307 -4.53 -15.08 7.06
C SER A 307 -4.61 -16.61 6.94
N ARG A 308 -3.46 -17.28 6.93
CA ARG A 308 -3.38 -18.72 7.13
C ARG A 308 -2.18 -19.02 8.02
N ILE A 309 -2.42 -19.54 9.22
CA ILE A 309 -1.34 -19.83 10.16
C ILE A 309 -1.27 -21.35 10.33
N PHE A 310 -0.19 -21.94 9.82
CA PHE A 310 0.05 -23.38 9.89
C PHE A 310 0.96 -23.65 11.08
N VAL A 311 0.51 -24.50 12.01
CA VAL A 311 1.24 -24.78 13.24
C VAL A 311 1.48 -26.29 13.36
N GLU A 312 2.70 -26.68 13.71
CA GLU A 312 3.04 -28.09 13.87
C GLU A 312 2.15 -28.71 14.96
N GLU A 313 1.69 -29.94 14.71
CA GLU A 313 0.66 -30.61 15.55
C GLU A 313 0.92 -30.57 17.05
N SER A 314 2.16 -30.83 17.46
CA SER A 314 2.51 -30.94 18.89
C SER A 314 2.35 -29.63 19.69
N ILE A 315 2.47 -28.49 19.01
CA ILE A 315 2.25 -27.18 19.66
C ILE A 315 0.97 -26.46 19.18
N TYR A 316 0.18 -27.13 18.34
CA TYR A 316 -1.04 -26.56 17.73
C TYR A 316 -2.11 -26.13 18.74
N ASP A 317 -2.46 -27.02 19.66
CA ASP A 317 -3.48 -26.72 20.70
C ASP A 317 -3.08 -25.53 21.57
N GLU A 318 -1.80 -25.50 21.96
CA GLU A 318 -1.26 -24.43 22.79
C GLU A 318 -1.19 -23.11 22.01
N PHE A 319 -0.86 -23.19 20.72
CA PHE A 319 -0.86 -22.00 19.86
C PHE A 319 -2.26 -21.42 19.72
N VAL A 320 -3.25 -22.28 19.47
CA VAL A 320 -4.64 -21.85 19.35
C VAL A 320 -5.11 -21.20 20.67
N ARG A 321 -4.85 -21.86 21.80
CA ARG A 321 -5.21 -21.33 23.13
C ARG A 321 -4.66 -19.92 23.39
N ARG A 322 -3.35 -19.76 23.23
CA ARG A 322 -2.68 -18.48 23.41
C ARG A 322 -3.17 -17.41 22.44
N SER A 323 -3.42 -17.81 21.19
CA SER A 323 -3.94 -16.89 20.17
C SER A 323 -5.33 -16.36 20.53
N VAL A 324 -6.22 -17.26 20.96
CA VAL A 324 -7.59 -16.90 21.33
C VAL A 324 -7.62 -15.90 22.49
N GLU A 325 -6.80 -16.15 23.52
CA GLU A 325 -6.71 -15.22 24.67
C GLU A 325 -6.16 -13.84 24.30
N ARG A 326 -5.24 -13.80 23.35
CA ARG A 326 -4.75 -12.52 22.81
C ARG A 326 -5.85 -11.78 22.05
N ALA A 327 -6.66 -12.52 21.29
CA ALA A 327 -7.75 -11.94 20.48
C ALA A 327 -8.94 -11.42 21.30
N LYS A 328 -9.11 -11.92 22.53
CA LYS A 328 -10.21 -11.49 23.40
C LYS A 328 -9.89 -10.22 24.22
N LYS A 329 -8.73 -9.61 23.99
CA LYS A 329 -8.27 -8.43 24.76
C LYS A 329 -8.51 -7.06 24.11
N TYR A 330 -9.35 -6.99 23.07
CA TYR A 330 -9.55 -5.72 22.37
C TYR A 330 -10.68 -4.88 22.96
N ILE A 331 -10.56 -3.57 22.74
CA ILE A 331 -11.60 -2.59 23.06
C ILE A 331 -12.00 -1.93 21.75
N LEU A 332 -13.25 -2.11 21.36
CA LEU A 332 -13.76 -1.56 20.11
C LEU A 332 -14.37 -0.19 20.37
N GLY A 333 -14.32 0.68 19.35
CA GLY A 333 -14.90 2.01 19.45
C GLY A 333 -14.33 3.01 18.47
N ASN A 334 -14.60 4.28 18.72
CA ASN A 334 -14.11 5.37 17.89
C ASN A 334 -12.57 5.37 17.91
N PRO A 335 -11.92 5.35 16.73
CA PRO A 335 -10.45 5.28 16.70
C PRO A 335 -9.70 6.52 17.25
N LEU A 336 -10.41 7.62 17.49
CA LEU A 336 -9.85 8.81 18.13
C LEU A 336 -9.77 8.76 19.68
N THR A 337 -10.55 7.89 20.32
CA THR A 337 -10.60 7.81 21.79
C THR A 337 -9.40 7.01 22.33
N PRO A 338 -8.60 7.58 23.27
CA PRO A 338 -7.43 6.82 23.76
C PRO A 338 -7.82 5.55 24.51
N GLY A 339 -6.97 4.52 24.43
CA GLY A 339 -7.29 3.21 25.01
C GLY A 339 -8.05 2.25 24.11
N VAL A 340 -8.79 2.78 23.13
CA VAL A 340 -9.43 1.95 22.09
C VAL A 340 -8.35 1.24 21.27
N THR A 341 -8.53 -0.06 21.04
CA THR A 341 -7.54 -0.89 20.35
C THR A 341 -8.04 -1.58 19.06
N GLN A 342 -9.28 -1.33 18.65
CA GLN A 342 -9.81 -1.81 17.37
C GLN A 342 -10.88 -0.86 16.85
N GLY A 343 -10.60 -0.24 15.70
CA GLY A 343 -11.56 0.62 14.99
C GLY A 343 -12.53 -0.14 14.10
N PRO A 344 -13.28 0.59 13.27
CA PRO A 344 -14.23 -0.02 12.34
C PRO A 344 -13.55 -0.47 11.04
N GLN A 345 -14.29 -1.25 10.25
CA GLN A 345 -13.94 -1.51 8.85
C GLN A 345 -14.27 -0.26 8.04
N ILE A 346 -13.72 -0.16 6.83
CA ILE A 346 -13.80 1.08 6.03
C ILE A 346 -15.20 1.49 5.54
N ASP A 347 -16.03 0.52 5.17
CA ASP A 347 -17.34 0.82 4.57
C ASP A 347 -18.25 -0.42 4.51
N LYS A 348 -19.49 -0.23 4.03
CA LYS A 348 -20.49 -1.28 3.91
C LYS A 348 -20.06 -2.47 3.04
N GLU A 349 -19.53 -2.18 1.85
CA GLU A 349 -19.10 -3.24 0.90
C GLU A 349 -18.11 -4.21 1.55
N GLN A 350 -17.09 -3.66 2.21
CA GLN A 350 -16.10 -4.49 2.92
C GLN A 350 -16.66 -5.20 4.14
N TYR A 351 -17.49 -4.49 4.89
CA TYR A 351 -18.21 -5.01 6.06
C TYR A 351 -19.04 -6.25 5.68
N ASP A 352 -19.84 -6.11 4.62
CA ASP A 352 -20.69 -7.19 4.12
C ASP A 352 -19.88 -8.41 3.65
N LYS A 353 -18.76 -8.16 2.97
CA LYS A 353 -17.86 -9.21 2.49
C LYS A 353 -17.28 -10.03 3.65
N ILE A 354 -16.84 -9.34 4.69
CA ILE A 354 -16.24 -9.96 5.88
C ILE A 354 -17.24 -10.85 6.62
N LEU A 355 -18.44 -10.32 6.88
CA LEU A 355 -19.49 -11.09 7.56
C LEU A 355 -19.93 -12.30 6.74
N ASP A 356 -20.08 -12.12 5.42
CA ASP A 356 -20.35 -13.24 4.52
C ASP A 356 -19.30 -14.35 4.65
N LEU A 357 -18.02 -13.98 4.64
CA LEU A 357 -16.93 -14.97 4.78
C LEU A 357 -16.88 -15.61 6.17
N ILE A 358 -17.20 -14.85 7.22
CA ILE A 358 -17.32 -15.41 8.58
C ILE A 358 -18.42 -16.48 8.63
N GLU A 359 -19.54 -16.19 7.98
CA GLU A 359 -20.65 -17.14 7.89
C GLU A 359 -20.30 -18.41 7.13
N SER A 360 -19.45 -18.30 6.11
CA SER A 360 -18.99 -19.47 5.36
C SER A 360 -18.11 -20.37 6.24
N GLY A 361 -17.20 -19.77 7.01
CA GLY A 361 -16.41 -20.52 7.99
C GLY A 361 -17.25 -21.36 8.94
N LYS A 362 -18.32 -20.75 9.45
CA LYS A 362 -19.28 -21.47 10.30
C LYS A 362 -19.97 -22.60 9.56
N LYS A 363 -20.51 -22.28 8.38
CA LYS A 363 -21.25 -23.25 7.54
C LYS A 363 -20.37 -24.39 7.03
N GLU A 364 -19.11 -24.08 6.67
CA GLU A 364 -18.18 -25.10 6.13
C GLU A 364 -17.47 -25.94 7.19
N GLY A 365 -17.71 -25.67 8.47
CA GLY A 365 -17.29 -26.54 9.56
C GLY A 365 -16.01 -26.14 10.29
N ALA A 366 -15.58 -24.89 10.16
CA ALA A 366 -14.47 -24.40 10.97
C ALA A 366 -14.93 -24.23 12.42
N LYS A 367 -13.99 -24.30 13.35
CA LYS A 367 -14.30 -24.15 14.77
C LYS A 367 -14.16 -22.69 15.20
N LEU A 368 -15.30 -22.06 15.55
CA LEU A 368 -15.32 -20.68 16.00
C LEU A 368 -14.82 -20.61 17.43
N GLU A 369 -13.67 -19.98 17.64
CA GLU A 369 -13.06 -19.86 18.97
C GLU A 369 -13.50 -18.61 19.73
N CYS A 370 -13.76 -17.54 19.00
CA CYS A 370 -14.26 -16.28 19.56
C CYS A 370 -14.78 -15.37 18.44
N GLY A 371 -15.50 -14.32 18.82
CA GLY A 371 -16.08 -13.36 17.88
C GLY A 371 -17.13 -13.99 16.97
N GLY A 372 -17.10 -13.60 15.69
CA GLY A 372 -17.97 -14.18 14.67
C GLY A 372 -19.24 -13.40 14.32
N GLY A 373 -19.33 -12.14 14.75
CA GLY A 373 -20.48 -11.29 14.43
C GLY A 373 -20.16 -9.81 14.44
N PRO A 374 -21.16 -8.96 14.20
CA PRO A 374 -20.97 -7.51 14.23
C PRO A 374 -20.90 -6.96 15.66
N TRP A 375 -20.64 -5.65 15.79
CA TRP A 375 -20.58 -4.97 17.08
C TRP A 375 -21.09 -3.53 17.00
N GLY A 376 -21.73 -3.08 18.08
CA GLY A 376 -22.12 -1.66 18.24
C GLY A 376 -23.46 -1.32 17.61
N ASN A 377 -23.88 -0.07 17.82
CA ASN A 377 -25.10 0.50 17.21
C ASN A 377 -24.82 1.34 15.96
N LYS A 378 -23.60 1.82 15.80
CA LYS A 378 -23.17 2.51 14.59
C LYS A 378 -21.70 2.20 14.31
N GLY A 379 -21.31 2.42 13.06
CA GLY A 379 -19.96 2.13 12.57
C GLY A 379 -19.85 0.73 12.02
N TYR A 380 -18.94 0.51 11.08
CA TYR A 380 -18.79 -0.80 10.43
C TYR A 380 -17.87 -1.72 11.25
N PHE A 381 -18.29 -2.03 12.47
CA PHE A 381 -17.48 -2.82 13.41
C PHE A 381 -17.77 -4.32 13.30
N VAL A 382 -16.69 -5.12 13.30
CA VAL A 382 -16.76 -6.57 13.30
C VAL A 382 -15.95 -7.08 14.48
N GLN A 383 -16.54 -8.00 15.26
CA GLN A 383 -15.83 -8.60 16.39
C GLN A 383 -14.56 -9.29 15.91
N PRO A 384 -13.46 -9.19 16.69
CA PRO A 384 -12.25 -9.93 16.30
C PRO A 384 -12.50 -11.44 16.39
N THR A 385 -12.24 -12.15 15.30
CA THR A 385 -12.69 -13.52 15.13
C THR A 385 -11.52 -14.48 14.91
N VAL A 386 -11.59 -15.65 15.55
CA VAL A 386 -10.58 -16.69 15.40
C VAL A 386 -11.27 -18.01 15.03
N PHE A 387 -10.80 -18.63 13.94
CA PHE A 387 -11.20 -19.97 13.55
C PHE A 387 -10.03 -20.93 13.70
N SER A 388 -10.27 -22.06 14.35
CA SER A 388 -9.32 -23.17 14.36
C SER A 388 -9.91 -24.35 13.58
N ASN A 389 -9.06 -25.36 13.34
CA ASN A 389 -9.39 -26.52 12.50
C ASN A 389 -9.83 -26.12 11.10
N VAL A 390 -9.12 -25.16 10.52
CA VAL A 390 -9.41 -24.67 9.17
C VAL A 390 -8.75 -25.63 8.18
N THR A 391 -9.47 -25.95 7.10
CA THR A 391 -8.94 -26.80 6.03
C THR A 391 -8.83 -26.01 4.73
N ASP A 392 -8.04 -26.54 3.80
CA ASP A 392 -7.55 -25.78 2.65
C ASP A 392 -8.62 -25.38 1.61
N GLU A 393 -9.70 -26.15 1.49
CA GLU A 393 -10.76 -25.81 0.54
C GLU A 393 -11.89 -24.96 1.11
N MET A 394 -11.77 -24.52 2.37
CA MET A 394 -12.73 -23.58 2.94
C MET A 394 -12.55 -22.21 2.30
N ARG A 395 -13.65 -21.45 2.19
CA ARG A 395 -13.59 -20.09 1.66
C ARG A 395 -12.65 -19.20 2.47
N ILE A 396 -12.72 -19.31 3.81
CA ILE A 396 -11.83 -18.54 4.71
C ILE A 396 -10.33 -18.88 4.58
N ALA A 397 -9.99 -20.05 4.01
CA ALA A 397 -8.60 -20.40 3.68
C ALA A 397 -8.16 -19.94 2.28
N LYS A 398 -9.10 -19.76 1.35
CA LYS A 398 -8.78 -19.38 -0.04
C LYS A 398 -8.94 -17.89 -0.36
N GLU A 399 -9.96 -17.24 0.21
CA GLU A 399 -10.30 -15.87 -0.16
C GLU A 399 -9.77 -14.84 0.81
N GLU A 400 -9.26 -13.73 0.27
CA GLU A 400 -8.83 -12.61 1.10
C GLU A 400 -10.07 -12.05 1.79
N ILE A 401 -10.06 -12.06 3.12
CA ILE A 401 -11.17 -11.56 3.91
C ILE A 401 -11.06 -10.04 4.10
N PHE A 402 -9.85 -9.54 4.39
CA PHE A 402 -9.61 -8.11 4.64
C PHE A 402 -10.37 -7.61 5.88
N GLY A 403 -10.40 -8.46 6.90
CA GLY A 403 -11.11 -8.19 8.15
C GLY A 403 -10.42 -8.87 9.30
N PRO A 404 -10.88 -8.59 10.55
CA PRO A 404 -10.26 -9.17 11.72
C PRO A 404 -10.69 -10.62 11.93
N VAL A 405 -10.17 -11.51 11.06
CA VAL A 405 -10.57 -12.91 11.03
C VAL A 405 -9.32 -13.78 10.85
N GLN A 406 -8.96 -14.50 11.90
CA GLN A 406 -7.76 -15.33 11.94
C GLN A 406 -8.12 -16.79 11.66
N GLN A 407 -7.29 -17.44 10.82
CA GLN A 407 -7.41 -18.87 10.48
C GLN A 407 -6.17 -19.60 10.99
N ILE A 408 -6.38 -20.65 11.78
CA ILE A 408 -5.29 -21.45 12.33
C ILE A 408 -5.47 -22.92 11.90
N MET A 409 -4.41 -23.48 11.34
CA MET A 409 -4.38 -24.82 10.74
C MET A 409 -3.28 -25.64 11.35
N LYS A 410 -3.44 -26.95 11.34
CA LYS A 410 -2.40 -27.85 11.81
C LYS A 410 -1.69 -28.49 10.62
N PHE A 411 -0.42 -28.84 10.83
CA PHE A 411 0.31 -29.69 9.90
C PHE A 411 1.20 -30.65 10.68
N LYS A 412 1.52 -31.77 10.04
CA LYS A 412 2.51 -32.72 10.58
C LYS A 412 3.75 -32.87 9.71
N SER A 413 3.63 -32.64 8.39
CA SER A 413 4.76 -32.78 7.45
CA SER A 413 4.75 -32.78 7.45
C SER A 413 5.20 -31.42 6.91
N LEU A 414 6.51 -31.17 6.95
CA LEU A 414 7.07 -29.90 6.45
C LEU A 414 7.02 -29.79 4.92
N ASP A 415 7.32 -30.88 4.21
CA ASP A 415 7.14 -30.93 2.74
C ASP A 415 5.74 -30.50 2.32
N ASP A 416 4.75 -31.06 3.01
CA ASP A 416 3.35 -30.84 2.67
C ASP A 416 2.89 -29.43 2.99
N VAL A 417 3.26 -28.92 4.16
CA VAL A 417 2.82 -27.57 4.57
C VAL A 417 3.40 -26.47 3.67
N ILE A 418 4.62 -26.68 3.15
CA ILE A 418 5.19 -25.78 2.15
C ILE A 418 4.36 -25.78 0.86
N LYS A 419 4.00 -26.97 0.39
CA LYS A 419 3.10 -27.11 -0.77
C LYS A 419 1.77 -26.41 -0.52
N ARG A 420 1.19 -26.61 0.66
CA ARG A 420 -0.08 -25.99 1.04
C ARG A 420 0.05 -24.45 1.12
N ALA A 421 1.16 -23.98 1.69
CA ALA A 421 1.46 -22.56 1.75
C ALA A 421 1.56 -21.94 0.35
N ASN A 422 2.20 -22.65 -0.57
CA ASN A 422 2.41 -22.17 -1.95
C ASN A 422 1.20 -22.44 -2.85
N ASN A 423 0.21 -23.19 -2.37
CA ASN A 423 -0.94 -23.60 -3.18
C ASN A 423 -2.03 -22.53 -3.17
N THR A 424 -1.74 -21.44 -3.87
CA THR A 424 -2.58 -20.26 -3.92
C THR A 424 -2.08 -19.43 -5.09
N PHE A 425 -2.99 -18.71 -5.74
CA PHE A 425 -2.60 -17.76 -6.78
C PHE A 425 -1.97 -16.49 -6.20
N TYR A 426 -2.12 -16.25 -4.90
CA TYR A 426 -1.45 -15.14 -4.22
C TYR A 426 -0.01 -15.48 -3.91
N GLY A 427 0.70 -14.48 -3.41
CA GLY A 427 2.10 -14.61 -3.04
C GLY A 427 2.72 -13.33 -2.56
N LEU A 428 2.02 -12.58 -1.71
CA LEU A 428 2.55 -11.27 -1.29
C LEU A 428 3.67 -11.42 -0.25
N SER A 429 3.41 -12.23 0.77
CA SER A 429 4.34 -12.36 1.89
C SER A 429 4.14 -13.67 2.62
N ALA A 430 5.02 -13.96 3.55
CA ALA A 430 4.90 -15.14 4.40
C ALA A 430 5.75 -15.01 5.65
N GLY A 431 5.49 -15.89 6.62
CA GLY A 431 6.18 -15.89 7.91
C GLY A 431 6.69 -17.29 8.20
N VAL A 432 7.92 -17.37 8.69
CA VAL A 432 8.53 -18.64 9.12
C VAL A 432 9.01 -18.47 10.56
N PHE A 433 8.57 -19.35 11.45
CA PHE A 433 8.96 -19.28 12.86
C PHE A 433 9.66 -20.57 13.28
N THR A 434 10.95 -20.45 13.59
CA THR A 434 11.80 -21.58 13.94
C THR A 434 13.10 -21.09 14.58
N LYS A 435 13.73 -21.95 15.38
CA LYS A 435 15.10 -21.74 15.89
C LYS A 435 16.17 -22.42 15.03
N ASP A 436 15.76 -23.14 13.99
CA ASP A 436 16.70 -23.91 13.17
C ASP A 436 17.20 -23.06 12.00
N ILE A 437 18.52 -22.84 11.97
CA ILE A 437 19.17 -22.01 10.94
C ILE A 437 18.90 -22.55 9.54
N ASP A 438 19.09 -23.84 9.36
CA ASP A 438 18.88 -24.48 8.06
C ASP A 438 17.42 -24.37 7.61
N LYS A 439 16.48 -24.61 8.53
CA LYS A 439 15.05 -24.51 8.22
C LYS A 439 14.67 -23.07 7.83
N ALA A 440 15.20 -22.09 8.58
CA ALA A 440 14.93 -20.67 8.30
C ALA A 440 15.31 -20.30 6.86
N ILE A 441 16.50 -20.73 6.45
CA ILE A 441 17.03 -20.41 5.13
C ILE A 441 16.31 -21.23 4.04
N THR A 442 16.18 -22.54 4.23
CA THR A 442 15.57 -23.39 3.19
C THR A 442 14.06 -23.14 3.01
N ILE A 443 13.33 -22.95 4.11
CA ILE A 443 11.89 -22.69 4.01
C ILE A 443 11.64 -21.33 3.33
N SER A 444 12.39 -20.31 3.74
CA SER A 444 12.20 -18.98 3.16
C SER A 444 12.52 -18.98 1.67
N SER A 445 13.55 -19.74 1.27
CA SER A 445 13.88 -19.89 -0.16
C SER A 445 12.76 -20.56 -0.96
N ALA A 446 12.12 -21.56 -0.35
CA ALA A 446 11.09 -22.36 -1.03
C ALA A 446 9.70 -21.70 -1.11
N LEU A 447 9.43 -20.73 -0.23
CA LEU A 447 8.13 -20.06 -0.21
C LEU A 447 8.01 -19.07 -1.39
N GLN A 448 6.88 -19.13 -2.08
CA GLN A 448 6.65 -18.31 -3.26
C GLN A 448 5.96 -17.02 -2.85
N ALA A 449 6.72 -16.17 -2.18
CA ALA A 449 6.22 -14.93 -1.60
C ALA A 449 7.29 -13.84 -1.68
N GLY A 450 6.85 -12.59 -1.87
CA GLY A 450 7.77 -11.47 -2.09
C GLY A 450 8.55 -11.05 -0.88
N THR A 451 7.91 -11.05 0.28
CA THR A 451 8.61 -10.83 1.55
C THR A 451 8.37 -12.03 2.44
N VAL A 452 9.45 -12.63 2.92
CA VAL A 452 9.38 -13.68 3.93
C VAL A 452 10.01 -13.16 5.20
N TRP A 453 9.21 -13.08 6.26
CA TRP A 453 9.72 -12.72 7.58
C TRP A 453 10.12 -13.98 8.35
N VAL A 454 11.24 -13.91 9.07
CA VAL A 454 11.70 -15.02 9.89
C VAL A 454 11.68 -14.59 11.35
N ASN A 455 10.85 -15.29 12.14
CA ASN A 455 10.65 -15.02 13.56
C ASN A 455 10.08 -13.61 13.86
N CYS A 456 9.37 -13.07 12.87
CA CYS A 456 8.67 -11.79 12.98
C CYS A 456 7.61 -11.75 11.88
N TYR A 457 6.88 -10.64 11.80
CA TYR A 457 5.87 -10.45 10.76
C TYR A 457 5.53 -8.96 10.62
N GLY A 458 5.20 -8.55 9.39
CA GLY A 458 4.77 -7.17 9.13
C GLY A 458 5.82 -6.09 9.32
N VAL A 459 7.10 -6.47 9.25
CA VAL A 459 8.21 -5.53 9.33
C VAL A 459 8.50 -4.96 7.94
N VAL A 460 8.10 -3.71 7.77
CA VAL A 460 8.18 -3.00 6.50
C VAL A 460 9.05 -1.76 6.73
N SER A 461 9.99 -1.51 5.82
CA SER A 461 10.84 -0.33 5.89
C SER A 461 11.13 0.18 4.46
N ALA A 462 11.43 1.46 4.37
CA ALA A 462 11.71 2.13 3.09
C ALA A 462 12.92 1.56 2.33
N GLN A 463 13.88 0.99 3.07
CA GLN A 463 15.10 0.48 2.48
C GLN A 463 14.93 -0.85 1.75
N CYS A 464 13.80 -1.54 1.98
CA CYS A 464 13.49 -2.86 1.38
C CYS A 464 12.59 -2.75 0.19
N PRO A 465 12.86 -3.52 -0.87
CA PRO A 465 11.81 -3.71 -1.87
C PRO A 465 10.63 -4.50 -1.32
N PHE A 466 9.44 -4.21 -1.84
CA PHE A 466 8.22 -4.81 -1.36
C PHE A 466 7.31 -5.02 -2.58
N GLY A 467 6.76 -6.23 -2.69
CA GLY A 467 5.73 -6.54 -3.73
C GLY A 467 5.46 -8.02 -3.85
N GLY A 468 4.50 -8.40 -4.70
CA GLY A 468 4.08 -9.79 -4.76
C GLY A 468 4.71 -10.68 -5.81
N PHE A 469 4.76 -11.98 -5.49
CA PHE A 469 4.89 -13.06 -6.48
C PHE A 469 3.48 -13.32 -7.01
N LYS A 470 3.41 -13.94 -8.18
CA LYS A 470 2.15 -14.46 -8.74
C LYS A 470 1.08 -13.37 -8.82
N MET A 471 -0.18 -13.67 -8.50
CA MET A 471 -1.24 -12.69 -8.62
C MET A 471 -1.30 -11.68 -7.44
N SER A 472 -0.28 -11.64 -6.57
CA SER A 472 -0.21 -10.58 -5.56
C SER A 472 0.51 -9.32 -6.08
N GLY A 473 1.00 -9.35 -7.32
CA GLY A 473 1.50 -8.16 -7.96
C GLY A 473 2.54 -8.35 -9.05
N ASN A 474 2.88 -7.22 -9.67
CA ASN A 474 3.86 -7.08 -10.73
C ASN A 474 4.74 -5.93 -10.26
N GLY A 475 6.03 -6.17 -10.19
CA GLY A 475 6.99 -5.14 -9.80
C GLY A 475 7.16 -5.00 -8.31
N ARG A 476 8.16 -4.19 -7.93
CA ARG A 476 8.45 -3.88 -6.54
C ARG A 476 8.42 -2.39 -6.24
N GLU A 477 8.09 -2.05 -5.00
CA GLU A 477 8.11 -0.69 -4.52
C GLU A 477 9.20 -0.51 -3.48
N LEU A 478 9.79 0.67 -3.48
CA LEU A 478 10.81 1.07 -2.52
C LEU A 478 12.06 0.22 -2.60
N GLY A 479 13.03 0.50 -1.73
CA GLY A 479 14.36 -0.07 -1.88
C GLY A 479 15.02 0.49 -3.12
N GLU A 480 16.29 0.16 -3.28
CA GLU A 480 16.98 0.40 -4.55
C GLU A 480 16.23 -0.18 -5.75
N TYR A 481 15.72 -1.41 -5.60
CA TYR A 481 15.14 -2.13 -6.72
C TYR A 481 13.84 -1.48 -7.20
N GLY A 482 13.06 -0.94 -6.27
CA GLY A 482 11.79 -0.28 -6.61
C GLY A 482 11.93 0.92 -7.53
N PHE A 483 13.05 1.62 -7.40
CA PHE A 483 13.29 2.82 -8.22
C PHE A 483 13.43 2.52 -9.71
N HIS A 484 13.87 1.31 -10.06
CA HIS A 484 13.96 0.91 -11.47
C HIS A 484 12.65 1.10 -12.24
N GLU A 485 11.53 0.76 -11.61
CA GLU A 485 10.22 0.88 -12.25
C GLU A 485 9.69 2.31 -12.42
N TYR A 486 10.43 3.31 -11.94
CA TYR A 486 10.12 4.70 -12.25
C TYR A 486 11.14 5.37 -13.17
N THR A 487 11.99 4.55 -13.80
CA THR A 487 12.84 4.98 -14.89
C THR A 487 12.59 4.22 -16.22
N GLU A 488 12.95 4.88 -17.30
CA GLU A 488 12.96 4.32 -18.65
C GLU A 488 14.39 4.44 -19.17
N VAL A 489 14.97 3.31 -19.56
CA VAL A 489 16.38 3.24 -19.96
C VAL A 489 16.53 3.55 -21.45
N LYS A 490 17.40 4.52 -21.74
CA LYS A 490 17.77 4.92 -23.09
C LYS A 490 19.25 4.59 -23.29
N THR A 491 19.55 3.88 -24.36
CA THR A 491 20.92 3.58 -24.74
C THR A 491 21.36 4.58 -25.82
N VAL A 492 22.53 5.19 -25.63
CA VAL A 492 23.07 6.14 -26.61
C VAL A 492 24.39 5.57 -27.09
N THR A 493 24.49 5.31 -28.39
CA THR A 493 25.68 4.69 -28.97
C THR A 493 26.25 5.62 -30.03
N VAL A 494 27.48 6.07 -29.79
CA VAL A 494 28.12 7.11 -30.58
C VAL A 494 29.28 6.50 -31.36
N LYS A 495 29.31 6.68 -32.68
CA LYS A 495 30.44 6.23 -33.49
C LYS A 495 31.69 7.04 -33.12
N ILE A 496 32.79 6.34 -32.88
CA ILE A 496 34.11 6.98 -32.70
C ILE A 496 35.15 6.33 -33.58
N SER A 497 36.28 7.01 -33.77
CA SER A 497 37.35 6.55 -34.65
C SER A 497 38.05 5.33 -34.05
N GLN A 498 38.40 5.39 -32.76
CA GLN A 498 39.05 4.29 -32.04
CA GLN A 498 38.94 4.24 -32.06
C GLN A 498 38.68 4.34 -30.56
N LYS A 499 38.20 3.23 -30.01
CA LYS A 499 37.96 3.12 -28.57
C LYS A 499 39.20 2.56 -27.88
N ASN A 500 39.35 2.92 -26.61
CA ASN A 500 40.29 2.28 -25.73
C ASN A 500 39.60 1.90 -24.42
N SER A 501 40.02 0.78 -23.84
CA SER A 501 39.48 0.31 -22.59
C SER A 501 39.68 1.35 -21.46
#